data_3QVM
#
_entry.id   3QVM
#
_cell.length_a   123.067
_cell.length_b   123.067
_cell.length_c   49.218
_cell.angle_alpha   90.00
_cell.angle_beta   90.00
_cell.angle_gamma   90.00
#
_symmetry.space_group_name_H-M   'P 4'
#
loop_
_entity.id
_entity.type
_entity.pdbx_description
1 polymer Olei00960
2 non-polymer 'SULFATE ION'
3 non-polymer 'SODIUM ION'
4 non-polymer 'CHLORIDE ION'
5 non-polymer 'CALCIUM ION'
6 water water
#
_entity_poly.entity_id   1
_entity_poly.type   'polypeptide(L)'
_entity_poly.pdbx_seq_one_letter_code
;G(MSE)IKQDVICYEKEDVVKRNNINITGGGEKTVLLAHGFGCDQN(MSE)WRF(MSE)LPELEKQFTVIVFDYVGSGQS
DLESFSTKRYSSLEGYAKDVEEILVALDLVNVSIIGHSVSSIIAGIASTHVGDRISDIT(MSE)ICPSPCF(MSE)NFPP
DYVGGFERDDLEELINL(MSE)DKNYIGWANYLAPLV(MSE)GASHSSELIGELSGSFCTTDPIVAKTFAKATFFSDYRS
LLEDISTPALIFQSAKDSLASPEVGQY(MSE)AENIPNSQLELIQAEGHCLH(MSE)TDAGLITPLLIHFIQNNQTRA
;
_entity_poly.pdbx_strand_id   A,B
#
# COMPACT_ATOMS: atom_id res chain seq x y z
N ASP A 6 -24.45 3.03 6.17
CA ASP A 6 -24.31 4.02 7.24
C ASP A 6 -22.85 4.39 7.48
N VAL A 7 -22.63 5.51 8.17
CA VAL A 7 -21.28 5.97 8.43
C VAL A 7 -20.85 5.62 9.85
N ILE A 8 -19.71 4.94 9.97
CA ILE A 8 -19.19 4.55 11.28
C ILE A 8 -18.98 5.76 12.17
N CYS A 9 -19.32 5.60 13.44
CA CYS A 9 -19.08 6.64 14.43
C CYS A 9 -18.05 6.12 15.44
N TYR A 10 -16.83 6.63 15.33
CA TYR A 10 -15.78 6.31 16.30
C TYR A 10 -15.91 7.23 17.52
N GLU A 11 -15.21 6.90 18.60
CA GLU A 11 -15.13 7.83 19.73
C GLU A 11 -14.39 9.08 19.25
N LYS A 12 -14.86 10.26 19.66
CA LYS A 12 -14.17 11.51 19.32
C LYS A 12 -12.69 11.29 19.55
N GLU A 13 -12.38 10.71 20.70
CA GLU A 13 -11.01 10.44 21.12
C GLU A 13 -10.24 9.66 20.04
N ASP A 14 -10.97 8.79 19.32
CA ASP A 14 -10.35 7.86 18.37
C ASP A 14 -9.91 8.53 17.05
N VAL A 15 -10.79 9.29 16.42
CA VAL A 15 -10.45 9.92 15.15
C VAL A 15 -9.39 11.00 15.32
N VAL A 16 -9.43 11.69 16.46
CA VAL A 16 -8.45 12.73 16.77
C VAL A 16 -7.02 12.26 16.63
N LYS A 17 -6.71 11.11 17.23
CA LYS A 17 -5.35 10.60 17.21
C LYS A 17 -5.08 9.98 15.85
N ARG A 18 -6.07 9.29 15.31
CA ARG A 18 -5.91 8.61 14.03
C ARG A 18 -5.61 9.58 12.89
N ASN A 19 -6.28 10.73 12.90
CA ASN A 19 -6.16 11.73 11.84
C ASN A 19 -5.34 12.94 12.24
N ASN A 20 -4.68 12.86 13.40
CA ASN A 20 -3.86 13.96 13.88
C ASN A 20 -4.61 15.29 13.84
N ILE A 21 -5.85 15.25 14.30
CA ILE A 21 -6.73 16.42 14.29
C ILE A 21 -6.27 17.52 15.25
N ASN A 22 -6.22 18.75 14.75
CA ASN A 22 -5.90 19.92 15.58
C ASN A 22 -6.96 21.00 15.39
N ILE A 23 -7.44 21.56 16.50
CA ILE A 23 -8.48 22.58 16.45
C ILE A 23 -7.99 23.91 17.01
N THR A 24 -8.16 24.96 16.22
CA THR A 24 -7.78 26.32 16.61
C THR A 24 -8.89 27.34 16.33
N GLY A 25 -8.59 28.62 16.55
CA GLY A 25 -9.58 29.68 16.39
C GLY A 25 -10.67 29.70 17.45
N GLY A 26 -11.86 30.10 17.05
CA GLY A 26 -13.00 30.14 17.95
C GLY A 26 -14.26 30.59 17.24
N GLY A 27 -15.39 30.47 17.91
CA GLY A 27 -16.65 30.89 17.32
C GLY A 27 -17.50 29.73 16.89
N GLU A 28 -18.77 30.01 16.62
CA GLU A 28 -19.75 28.97 16.32
C GLU A 28 -19.52 28.36 14.94
N LYS A 29 -19.14 29.18 13.96
CA LYS A 29 -18.92 28.70 12.60
C LYS A 29 -17.62 27.91 12.51
N THR A 30 -17.73 26.67 12.03
CA THR A 30 -16.59 25.77 11.93
C THR A 30 -16.22 25.48 10.47
N VAL A 31 -14.93 25.57 10.16
N VAL A 31 -14.92 25.50 10.22
CA VAL A 31 -14.42 25.17 8.86
CA VAL A 31 -14.36 25.18 8.91
C VAL A 31 -13.47 23.98 9.05
C VAL A 31 -13.39 24.01 9.01
N LEU A 32 -13.50 23.07 8.09
CA LEU A 32 -12.63 21.89 8.06
C LEU A 32 -11.72 22.01 6.85
N LEU A 33 -10.41 21.93 7.07
CA LEU A 33 -9.44 22.09 5.99
C LEU A 33 -8.83 20.74 5.60
N ALA A 34 -8.88 20.41 4.31
CA ALA A 34 -8.38 19.11 3.87
C ALA A 34 -7.24 19.24 2.85
N HIS A 35 -6.07 18.72 3.21
CA HIS A 35 -4.87 18.87 2.36
C HIS A 35 -4.91 18.09 1.05
N GLY A 36 -3.92 18.33 0.18
CA GLY A 36 -3.86 17.68 -1.11
C GLY A 36 -2.87 16.53 -1.15
N PHE A 37 -2.64 15.97 -2.33
CA PHE A 37 -1.76 14.82 -2.47
C PHE A 37 -0.36 15.09 -1.92
N GLY A 38 0.21 14.09 -1.24
CA GLY A 38 1.57 14.16 -0.73
C GLY A 38 1.89 15.26 0.26
N CYS A 39 0.86 15.85 0.86
CA CYS A 39 1.03 16.94 1.82
C CYS A 39 0.51 16.57 3.18
N ASP A 40 0.42 17.57 4.07
CA ASP A 40 -0.24 17.42 5.35
C ASP A 40 -0.87 18.74 5.82
N GLN A 41 -1.33 18.77 7.06
CA GLN A 41 -2.10 19.90 7.57
C GLN A 41 -1.25 21.16 7.73
N ASN A 42 0.07 20.98 7.68
CA ASN A 42 0.99 22.09 7.82
C ASN A 42 1.02 23.02 6.61
N TRP A 44 -1.43 24.42 5.46
CA TRP A 44 -2.48 25.41 5.69
C TRP A 44 -2.00 26.61 6.50
N ARG A 45 -0.73 26.60 6.88
CA ARG A 45 -0.25 27.57 7.87
C ARG A 45 -0.26 29.01 7.36
N PHE A 46 -0.31 29.18 6.04
CA PHE A 46 -0.37 30.51 5.46
C PHE A 46 -1.77 31.10 5.58
N LEU A 48 -4.17 29.85 8.01
CA LEU A 48 -4.68 29.68 9.37
C LEU A 48 -4.94 30.97 10.14
N PRO A 49 -3.96 31.88 10.22
CA PRO A 49 -4.18 33.07 11.04
C PRO A 49 -5.42 33.89 10.68
N GLU A 50 -5.70 34.12 9.40
CA GLU A 50 -6.90 34.86 9.01
C GLU A 50 -8.17 34.06 9.30
N LEU A 51 -8.13 32.77 8.96
CA LEU A 51 -9.25 31.87 9.24
C LEU A 51 -9.61 31.82 10.74
N GLU A 52 -8.59 31.80 11.59
CA GLU A 52 -8.79 31.74 13.04
C GLU A 52 -9.42 33.02 13.64
N LYS A 53 -9.39 34.14 12.91
CA LYS A 53 -10.05 35.37 13.37
C LYS A 53 -11.56 35.34 13.17
N GLN A 54 -12.04 34.36 12.39
CA GLN A 54 -13.45 34.30 12.06
C GLN A 54 -14.12 32.99 12.48
N PHE A 55 -13.35 31.90 12.46
CA PHE A 55 -13.93 30.57 12.61
C PHE A 55 -13.25 29.73 13.68
N THR A 56 -13.90 28.62 14.03
CA THR A 56 -13.20 27.52 14.66
C THR A 56 -12.58 26.72 13.51
N VAL A 57 -11.26 26.59 13.51
CA VAL A 57 -10.58 25.92 12.40
C VAL A 57 -10.12 24.51 12.75
N ILE A 58 -10.52 23.53 11.96
CA ILE A 58 -10.13 22.14 12.18
C ILE A 58 -9.24 21.64 11.05
N VAL A 59 -8.04 21.21 11.39
CA VAL A 59 -7.16 20.57 10.42
C VAL A 59 -6.92 19.11 10.78
N PHE A 60 -6.47 18.33 9.81
CA PHE A 60 -6.21 16.90 10.03
C PHE A 60 -5.30 16.36 8.94
N ASP A 61 -4.79 15.16 9.16
CA ASP A 61 -3.98 14.41 8.21
C ASP A 61 -4.74 13.16 7.76
N TYR A 62 -4.85 12.99 6.45
CA TYR A 62 -5.47 11.79 5.92
C TYR A 62 -4.69 10.58 6.45
N VAL A 63 -5.38 9.49 6.77
CA VAL A 63 -4.68 8.32 7.27
C VAL A 63 -3.60 7.94 6.27
N GLY A 64 -2.37 7.81 6.74
CA GLY A 64 -1.25 7.53 5.85
C GLY A 64 -0.41 8.78 5.57
N SER A 65 -1.03 9.95 5.75
CA SER A 65 -0.37 11.22 5.48
C SER A 65 0.16 11.88 6.76
N GLY A 66 1.23 12.66 6.63
CA GLY A 66 1.77 13.42 7.74
C GLY A 66 2.00 12.63 9.01
N GLN A 67 1.37 13.06 10.10
CA GLN A 67 1.53 12.41 11.39
C GLN A 67 0.28 11.64 11.81
N SER A 68 -0.52 11.27 10.83
CA SER A 68 -1.66 10.39 11.08
C SER A 68 -1.13 9.03 11.54
N ASP A 69 -2.02 8.20 12.07
CA ASP A 69 -1.62 6.86 12.50
C ASP A 69 -1.62 5.85 11.35
N LEU A 70 -0.43 5.40 10.97
CA LEU A 70 -0.26 4.46 9.87
C LEU A 70 -0.91 3.11 10.16
N GLU A 71 -1.08 2.80 11.43
CA GLU A 71 -1.73 1.56 11.85
C GLU A 71 -3.12 1.48 11.27
N SER A 72 -3.72 2.63 10.97
CA SER A 72 -5.03 2.65 10.34
C SER A 72 -5.01 2.56 8.81
N PHE A 73 -3.83 2.65 8.19
CA PHE A 73 -3.76 2.64 6.72
C PHE A 73 -3.94 1.25 6.09
N SER A 74 -4.67 1.19 4.99
CA SER A 74 -4.81 -0.04 4.22
C SER A 74 -4.76 0.27 2.74
N THR A 75 -4.11 -0.57 1.96
CA THR A 75 -4.07 -0.39 0.51
C THR A 75 -5.44 -0.69 -0.11
N LYS A 76 -6.30 -1.37 0.64
CA LYS A 76 -7.62 -1.67 0.12
C LYS A 76 -8.51 -0.43 0.22
N ARG A 77 -8.80 -0.01 1.45
CA ARG A 77 -9.63 1.19 1.65
C ARG A 77 -9.09 2.43 0.93
N TYR A 78 -7.79 2.66 1.01
CA TYR A 78 -7.22 3.87 0.44
C TYR A 78 -6.72 3.70 -0.99
N SER A 79 -7.31 2.74 -1.70
CA SER A 79 -6.99 2.52 -3.11
C SER A 79 -7.68 3.55 -4.00
N SER A 80 -8.76 4.12 -3.50
CA SER A 80 -9.50 5.12 -4.26
C SER A 80 -9.89 6.24 -3.31
N LEU A 81 -10.33 7.36 -3.88
CA LEU A 81 -10.74 8.53 -3.10
C LEU A 81 -11.97 8.31 -2.21
N GLU A 82 -12.70 7.22 -2.43
CA GLU A 82 -13.84 6.91 -1.56
C GLU A 82 -13.38 6.58 -0.14
N GLY A 83 -12.18 6.05 0.00
CA GLY A 83 -11.63 5.72 1.31
C GLY A 83 -11.17 6.97 2.02
N TYR A 84 -10.66 7.92 1.25
CA TYR A 84 -10.34 9.23 1.80
C TYR A 84 -11.58 9.98 2.24
N ALA A 85 -12.64 9.91 1.43
CA ALA A 85 -13.92 10.51 1.82
C ALA A 85 -14.44 9.91 3.12
N LYS A 86 -14.30 8.59 3.28
CA LYS A 86 -14.62 7.95 4.56
C LYS A 86 -13.92 8.62 5.73
N ASP A 87 -12.66 9.02 5.55
CA ASP A 87 -11.93 9.76 6.57
C ASP A 87 -12.69 10.99 7.02
N VAL A 88 -13.14 11.77 6.04
CA VAL A 88 -13.84 13.02 6.31
C VAL A 88 -15.21 12.78 6.97
N GLU A 89 -15.99 11.87 6.39
CA GLU A 89 -17.30 11.47 6.90
C GLU A 89 -17.23 10.98 8.34
N GLU A 90 -16.14 10.28 8.68
CA GLU A 90 -15.97 9.71 10.02
C GLU A 90 -15.58 10.77 11.04
N ILE A 91 -14.81 11.75 10.60
CA ILE A 91 -14.41 12.86 11.47
C ILE A 91 -15.62 13.75 11.78
N LEU A 92 -16.45 14.00 10.75
CA LEU A 92 -17.65 14.83 10.90
C LEU A 92 -18.73 14.15 11.75
N VAL A 93 -18.93 12.85 11.54
CA VAL A 93 -19.89 12.09 12.33
C VAL A 93 -19.41 11.97 13.78
N ALA A 94 -18.13 11.63 13.95
CA ALA A 94 -17.56 11.37 15.27
C ALA A 94 -17.45 12.61 16.17
N LEU A 95 -17.18 13.76 15.56
CA LEU A 95 -17.14 15.00 16.33
C LEU A 95 -18.54 15.59 16.37
N ASP A 96 -19.47 14.90 15.69
CA ASP A 96 -20.85 15.33 15.58
C ASP A 96 -20.92 16.80 15.18
N LEU A 97 -20.17 17.15 14.14
CA LEU A 97 -20.14 18.51 13.64
C LEU A 97 -21.28 18.70 12.67
N VAL A 98 -21.85 19.90 12.66
N VAL A 98 -21.85 19.90 12.66
CA VAL A 98 -22.90 20.25 11.72
CA VAL A 98 -22.93 20.25 11.74
C VAL A 98 -22.60 21.64 11.18
C VAL A 98 -22.69 21.66 11.22
N ASN A 99 -23.11 21.92 9.98
CA ASN A 99 -22.93 23.24 9.38
C ASN A 99 -21.45 23.55 9.19
N VAL A 100 -20.71 22.60 8.63
CA VAL A 100 -19.28 22.74 8.43
C VAL A 100 -18.98 23.23 7.02
N SER A 101 -18.11 24.23 6.91
CA SER A 101 -17.61 24.63 5.61
C SER A 101 -16.31 23.88 5.36
N ILE A 102 -16.24 23.17 4.24
CA ILE A 102 -15.02 22.44 3.94
C ILE A 102 -14.19 23.20 2.91
N ILE A 103 -12.92 23.40 3.24
CA ILE A 103 -11.96 24.00 2.33
C ILE A 103 -11.00 22.92 1.90
N GLY A 104 -11.03 22.54 0.63
CA GLY A 104 -10.14 21.51 0.14
C GLY A 104 -9.10 21.95 -0.88
N HIS A 105 -7.90 21.40 -0.75
CA HIS A 105 -6.86 21.63 -1.75
C HIS A 105 -6.82 20.53 -2.80
N SER A 106 -6.91 20.91 -4.06
CA SER A 106 -6.71 19.98 -5.15
C SER A 106 -7.61 18.75 -5.03
N VAL A 107 -6.99 17.59 -4.87
CA VAL A 107 -7.73 16.32 -4.79
C VAL A 107 -8.78 16.35 -3.67
N SER A 108 -8.51 17.09 -2.60
CA SER A 108 -9.47 17.16 -1.52
C SER A 108 -10.77 17.86 -1.94
N SER A 109 -10.74 18.50 -3.10
CA SER A 109 -11.95 19.11 -3.68
C SER A 109 -12.92 18.02 -4.08
N ILE A 110 -12.38 16.95 -4.67
CA ILE A 110 -13.17 15.81 -5.09
C ILE A 110 -13.57 14.94 -3.90
N ILE A 111 -12.64 14.76 -2.96
CA ILE A 111 -12.88 13.95 -1.76
C ILE A 111 -14.00 14.56 -0.93
N ALA A 112 -13.91 15.85 -0.64
CA ALA A 112 -14.98 16.58 0.05
C ALA A 112 -16.32 16.41 -0.64
N GLY A 113 -16.32 16.41 -1.96
CA GLY A 113 -17.54 16.25 -2.74
C GLY A 113 -18.16 14.87 -2.63
N ILE A 114 -17.32 13.83 -2.62
CA ILE A 114 -17.78 12.47 -2.35
C ILE A 114 -18.40 12.40 -0.97
N ALA A 115 -17.72 12.97 0.00
CA ALA A 115 -18.21 12.95 1.37
C ALA A 115 -19.56 13.67 1.48
N SER A 116 -19.76 14.70 0.68
CA SER A 116 -21.00 15.48 0.71
C SER A 116 -22.20 14.70 0.17
N THR A 117 -21.93 13.61 -0.55
CA THR A 117 -23.00 12.73 -1.06
C THR A 117 -23.46 11.72 -0.01
N HIS A 118 -22.71 11.59 1.08
CA HIS A 118 -23.01 10.63 2.13
C HIS A 118 -23.41 11.29 3.43
N VAL A 119 -22.80 12.44 3.72
CA VAL A 119 -23.13 13.20 4.95
C VAL A 119 -23.40 14.67 4.65
N GLY A 120 -24.03 14.93 3.51
CA GLY A 120 -24.34 16.28 3.06
C GLY A 120 -24.99 17.14 4.12
N ASP A 121 -25.66 16.47 5.06
CA ASP A 121 -26.42 17.12 6.13
C ASP A 121 -25.54 17.80 7.18
N ARG A 122 -24.22 17.61 7.09
CA ARG A 122 -23.34 18.22 8.08
C ARG A 122 -22.44 19.26 7.42
N ILE A 123 -22.57 19.37 6.11
CA ILE A 123 -21.72 20.26 5.31
C ILE A 123 -22.54 21.40 4.71
N SER A 124 -22.12 22.63 4.99
CA SER A 124 -22.86 23.78 4.47
C SER A 124 -22.39 24.16 3.07
N ASP A 125 -21.09 24.01 2.81
CA ASP A 125 -20.51 24.38 1.50
C ASP A 125 -19.11 23.77 1.36
N ILE A 126 -18.59 23.78 0.13
CA ILE A 126 -17.21 23.37 -0.13
C ILE A 126 -16.44 24.46 -0.88
N THR A 127 -15.22 24.73 -0.45
CA THR A 127 -14.32 25.59 -1.22
C THR A 127 -13.23 24.73 -1.85
N ILE A 129 -9.83 24.55 -3.94
CA ILE A 129 -8.66 25.27 -4.38
C ILE A 129 -7.86 24.46 -5.42
N CYS A 130 -7.86 24.96 -6.66
CA CYS A 130 -7.20 24.30 -7.77
C CYS A 130 -7.64 22.85 -7.92
N PRO A 131 -8.94 22.64 -8.19
CA PRO A 131 -9.50 21.30 -8.30
C PRO A 131 -9.33 20.72 -9.71
N SER A 132 -9.51 19.41 -9.82
CA SER A 132 -9.68 18.74 -11.11
C SER A 132 -10.49 17.47 -10.89
N PRO A 133 -11.50 17.22 -11.73
CA PRO A 133 -12.23 15.96 -11.63
C PRO A 133 -11.46 14.79 -12.25
N CYS A 134 -10.48 15.08 -13.10
CA CYS A 134 -9.82 14.05 -13.90
C CYS A 134 -8.66 14.65 -14.69
N PHE A 135 -7.50 14.01 -14.61
CA PHE A 135 -6.27 14.54 -15.22
C PHE A 135 -6.04 14.02 -16.62
N ASN A 137 -7.24 12.83 -20.62
CA ASN A 137 -7.92 13.49 -21.72
C ASN A 137 -9.02 12.65 -22.34
N PHE A 138 -10.15 13.29 -22.60
CA PHE A 138 -11.26 12.67 -23.32
C PHE A 138 -11.76 13.66 -24.35
N PRO A 139 -10.91 13.93 -25.36
CA PRO A 139 -11.18 14.93 -26.41
C PRO A 139 -12.34 14.49 -27.31
N PRO A 140 -13.01 15.47 -27.94
CA PRO A 140 -12.57 16.87 -27.78
C PRO A 140 -13.13 17.54 -26.51
N ASP A 141 -14.14 16.95 -25.89
CA ASP A 141 -14.96 17.66 -24.91
C ASP A 141 -14.40 17.70 -23.49
N TYR A 142 -13.33 16.94 -23.24
CA TYR A 142 -12.62 17.09 -21.97
C TYR A 142 -11.13 16.84 -22.16
N VAL A 143 -10.33 17.82 -21.79
CA VAL A 143 -8.89 17.69 -21.84
C VAL A 143 -8.31 17.95 -20.46
N GLY A 144 -8.02 16.87 -19.74
CA GLY A 144 -7.51 16.98 -18.37
C GLY A 144 -6.11 17.57 -18.43
N GLY A 145 -5.44 17.36 -19.56
CA GLY A 145 -4.16 17.99 -19.83
C GLY A 145 -2.99 17.03 -19.78
N PHE A 146 -3.29 15.78 -19.47
CA PHE A 146 -2.25 14.79 -19.27
C PHE A 146 -2.52 13.56 -20.10
N GLU A 147 -1.57 13.26 -20.98
CA GLU A 147 -1.69 12.10 -21.83
C GLU A 147 -1.45 10.86 -20.98
N ARG A 148 -2.13 9.77 -21.32
CA ARG A 148 -1.98 8.52 -20.59
C ARG A 148 -0.52 8.09 -20.54
N ASP A 149 0.21 8.36 -21.62
CA ASP A 149 1.61 7.98 -21.74
C ASP A 149 2.50 8.72 -20.76
N ASP A 150 2.18 9.99 -20.51
CA ASP A 150 2.92 10.81 -19.56
C ASP A 150 2.58 10.42 -18.12
N LEU A 151 1.32 10.04 -17.87
CA LEU A 151 0.91 9.63 -16.54
C LEU A 151 1.52 8.28 -16.20
N GLU A 152 1.54 7.37 -17.17
CA GLU A 152 2.18 6.06 -17.01
C GLU A 152 3.65 6.24 -16.59
N GLU A 153 4.34 7.15 -17.28
CA GLU A 153 5.74 7.50 -17.03
C GLU A 153 5.98 8.11 -15.65
N LEU A 154 4.99 8.84 -15.13
CA LEU A 154 5.12 9.46 -13.82
C LEU A 154 5.03 8.43 -12.71
N ILE A 155 3.96 7.62 -12.77
CA ILE A 155 3.77 6.56 -11.80
C ILE A 155 4.93 5.56 -11.82
N ASN A 156 5.45 5.29 -13.02
CA ASN A 156 6.59 4.38 -13.16
C ASN A 156 7.90 4.95 -12.63
N LEU A 157 8.05 6.27 -12.72
CA LEU A 157 9.24 6.94 -12.22
C LEU A 157 9.29 6.77 -10.70
N ASP A 159 8.61 4.11 -9.18
CA ASP A 159 9.21 2.80 -8.95
C ASP A 159 10.71 2.81 -9.23
N LYS A 160 11.11 3.47 -10.31
CA LYS A 160 12.49 3.48 -10.74
C LYS A 160 13.36 4.35 -9.83
N ASN A 161 12.87 5.55 -9.52
CA ASN A 161 13.69 6.58 -8.87
C ASN A 161 12.83 7.57 -8.05
N TYR A 162 12.54 7.22 -6.80
CA TYR A 162 11.61 8.01 -5.98
C TYR A 162 12.07 9.46 -5.84
N ILE A 163 13.34 9.64 -5.48
CA ILE A 163 13.92 10.97 -5.33
C ILE A 163 13.77 11.76 -6.64
N GLY A 164 14.00 11.08 -7.76
CA GLY A 164 13.76 11.67 -9.06
C GLY A 164 12.31 12.08 -9.26
N TRP A 165 11.39 11.20 -8.86
CA TRP A 165 9.97 11.49 -8.99
C TRP A 165 9.59 12.76 -8.23
N ALA A 166 10.06 12.88 -7.00
CA ALA A 166 9.76 14.05 -6.18
C ALA A 166 10.30 15.34 -6.81
N ASN A 167 11.54 15.29 -7.28
CA ASN A 167 12.19 16.42 -7.93
C ASN A 167 11.46 16.89 -9.19
N TYR A 168 10.79 15.95 -9.86
CA TYR A 168 10.01 16.29 -11.04
C TYR A 168 8.64 16.85 -10.70
N LEU A 169 7.94 16.21 -9.76
CA LEU A 169 6.53 16.56 -9.51
C LEU A 169 6.34 17.81 -8.64
N ALA A 170 7.27 18.08 -7.74
CA ALA A 170 7.17 19.23 -6.84
C ALA A 170 7.02 20.56 -7.59
N PRO A 171 7.90 20.82 -8.57
CA PRO A 171 7.76 22.08 -9.32
C PRO A 171 6.52 22.07 -10.22
N LEU A 172 6.11 20.88 -10.65
CA LEU A 172 4.93 20.75 -11.51
C LEU A 172 3.71 21.25 -10.75
N VAL A 173 3.56 20.77 -9.52
CA VAL A 173 2.43 21.09 -8.68
C VAL A 173 2.56 22.51 -8.12
N GLY A 175 4.42 24.96 -9.20
CA GLY A 175 4.63 25.95 -10.24
C GLY A 175 6.08 26.39 -10.25
N ALA A 176 6.76 26.15 -11.36
CA ALA A 176 8.21 26.29 -11.44
C ALA A 176 8.71 27.72 -11.19
N SER A 177 7.82 28.69 -11.31
CA SER A 177 8.21 30.09 -11.18
C SER A 177 8.40 30.49 -9.72
N HIS A 178 8.08 29.59 -8.80
CA HIS A 178 8.04 29.91 -7.37
C HIS A 178 9.35 29.60 -6.62
N SER A 179 9.40 29.95 -5.35
CA SER A 179 10.67 29.87 -4.60
C SER A 179 11.14 28.45 -4.29
N SER A 180 12.45 28.30 -4.17
CA SER A 180 13.06 27.03 -3.77
C SER A 180 12.56 26.58 -2.41
N GLU A 181 12.33 27.54 -1.52
CA GLU A 181 11.75 27.24 -0.20
C GLU A 181 10.43 26.49 -0.37
N LEU A 182 9.58 27.00 -1.26
CA LEU A 182 8.26 26.42 -1.47
C LEU A 182 8.33 25.10 -2.24
N ILE A 183 8.96 25.14 -3.40
CA ILE A 183 9.07 23.93 -4.21
C ILE A 183 9.71 22.85 -3.34
N GLY A 184 10.81 23.23 -2.69
CA GLY A 184 11.53 22.31 -1.83
C GLY A 184 10.72 21.74 -0.67
N GLU A 185 9.79 22.53 -0.13
CA GLU A 185 8.92 22.05 0.94
C GLU A 185 8.01 20.92 0.44
N LEU A 186 7.60 21.02 -0.82
CA LEU A 186 6.73 20.00 -1.39
C LEU A 186 7.52 18.73 -1.70
N SER A 187 8.73 18.87 -2.23
CA SER A 187 9.52 17.67 -2.53
C SER A 187 9.95 16.94 -1.26
N GLY A 188 10.18 17.70 -0.18
CA GLY A 188 10.47 17.11 1.11
C GLY A 188 9.27 16.35 1.68
N SER A 189 8.07 16.91 1.49
CA SER A 189 6.85 16.25 1.94
C SER A 189 6.64 14.96 1.16
N PHE A 190 6.77 15.04 -0.16
CA PHE A 190 6.75 13.85 -1.01
C PHE A 190 7.71 12.78 -0.48
N CYS A 191 8.93 13.18 -0.17
CA CYS A 191 9.99 12.27 0.26
C CYS A 191 9.77 11.60 1.61
N THR A 192 9.18 12.32 2.55
CA THR A 192 8.95 11.79 3.90
C THR A 192 7.63 11.04 4.05
N THR A 193 6.84 10.99 2.96
CA THR A 193 5.57 10.26 2.98
C THR A 193 5.86 8.80 2.65
N ASP A 194 5.27 7.90 3.41
CA ASP A 194 5.45 6.48 3.18
C ASP A 194 5.26 6.17 1.69
N PRO A 195 6.19 5.41 1.10
CA PRO A 195 6.12 5.18 -0.35
C PRO A 195 4.88 4.43 -0.82
N ILE A 196 4.29 3.59 0.03
CA ILE A 196 3.09 2.86 -0.40
C ILE A 196 1.88 3.76 -0.34
N VAL A 197 1.79 4.57 0.71
CA VAL A 197 0.78 5.60 0.78
C VAL A 197 0.87 6.52 -0.45
N ALA A 198 2.08 6.97 -0.76
CA ALA A 198 2.29 7.93 -1.83
C ALA A 198 1.93 7.32 -3.17
N LYS A 199 2.29 6.05 -3.37
CA LYS A 199 2.01 5.37 -4.64
C LYS A 199 0.52 5.09 -4.86
N THR A 200 -0.16 4.65 -3.82
CA THR A 200 -1.60 4.39 -3.96
C THR A 200 -2.43 5.68 -3.98
N PHE A 201 -1.91 6.73 -3.36
CA PHE A 201 -2.59 8.04 -3.34
C PHE A 201 -2.41 8.70 -4.70
N ALA A 202 -1.23 8.57 -5.27
CA ALA A 202 -0.97 9.11 -6.61
C ALA A 202 -1.82 8.45 -7.71
N LYS A 203 -2.01 7.13 -7.63
CA LYS A 203 -2.91 6.45 -8.56
C LYS A 203 -4.36 6.92 -8.34
N ALA A 204 -4.77 7.04 -7.07
CA ALA A 204 -6.13 7.45 -6.77
C ALA A 204 -6.38 8.89 -7.19
N THR A 205 -5.31 9.68 -7.27
CA THR A 205 -5.44 11.08 -7.60
C THR A 205 -5.40 11.33 -9.10
N PHE A 206 -4.32 10.89 -9.75
CA PHE A 206 -4.09 11.22 -11.17
C PHE A 206 -4.64 10.19 -12.15
N PHE A 207 -5.10 9.06 -11.64
CA PHE A 207 -5.61 8.00 -12.52
C PHE A 207 -7.12 7.79 -12.46
N SER A 208 -7.79 8.58 -11.62
CA SER A 208 -9.22 8.44 -11.44
C SER A 208 -9.98 9.41 -12.35
N ASP A 209 -11.30 9.24 -12.39
CA ASP A 209 -12.17 10.06 -13.23
C ASP A 209 -13.47 10.24 -12.47
N TYR A 210 -13.69 11.45 -11.97
CA TYR A 210 -14.86 11.73 -11.13
C TYR A 210 -15.78 12.78 -11.75
N ARG A 211 -15.81 12.84 -13.08
CA ARG A 211 -16.66 13.79 -13.78
C ARG A 211 -18.16 13.52 -13.57
N SER A 212 -18.53 12.25 -13.41
CA SER A 212 -19.94 11.88 -13.19
C SER A 212 -20.41 12.21 -11.78
N LEU A 213 -19.45 12.43 -10.89
CA LEU A 213 -19.76 12.85 -9.53
C LEU A 213 -20.39 14.25 -9.49
N LEU A 214 -19.93 15.13 -10.39
CA LEU A 214 -20.19 16.56 -10.26
C LEU A 214 -21.68 16.90 -10.16
N GLU A 215 -22.48 16.34 -11.06
CA GLU A 215 -23.91 16.60 -11.05
C GLU A 215 -24.60 16.10 -9.77
N ASP A 216 -23.90 15.26 -9.00
CA ASP A 216 -24.47 14.69 -7.76
C ASP A 216 -24.00 15.45 -6.53
N ILE A 217 -23.14 16.43 -6.76
CA ILE A 217 -22.75 17.35 -5.70
C ILE A 217 -23.78 18.46 -5.69
N SER A 218 -24.63 18.45 -4.67
CA SER A 218 -25.69 19.44 -4.56
C SER A 218 -25.30 20.55 -3.57
N THR A 219 -24.17 20.35 -2.89
CA THR A 219 -23.65 21.36 -1.95
C THR A 219 -23.13 22.57 -2.71
N PRO A 220 -23.32 23.77 -2.17
CA PRO A 220 -22.74 24.94 -2.84
C PRO A 220 -21.23 24.82 -2.90
N ALA A 221 -20.64 25.10 -4.06
CA ALA A 221 -19.21 24.91 -4.23
C ALA A 221 -18.54 26.15 -4.78
N LEU A 222 -17.50 26.60 -4.10
CA LEU A 222 -16.72 27.71 -4.60
C LEU A 222 -15.41 27.19 -5.14
N ILE A 223 -15.14 27.48 -6.41
CA ILE A 223 -13.96 26.98 -7.10
C ILE A 223 -12.97 28.10 -7.39
N PHE A 224 -11.72 27.88 -6.99
CA PHE A 224 -10.64 28.80 -7.35
C PHE A 224 -9.77 28.17 -8.43
N GLN A 225 -9.74 28.82 -9.58
CA GLN A 225 -8.96 28.38 -10.72
C GLN A 225 -7.71 29.23 -10.86
N SER A 226 -6.54 28.59 -10.72
CA SER A 226 -5.25 29.23 -11.00
C SER A 226 -5.13 29.59 -12.47
N ALA A 227 -4.73 30.83 -12.76
CA ALA A 227 -4.63 31.29 -14.14
C ALA A 227 -3.62 30.50 -14.96
N LYS A 228 -2.50 30.12 -14.34
CA LYS A 228 -1.44 29.35 -15.01
C LYS A 228 -1.09 28.11 -14.21
N ASP A 229 -1.70 26.98 -14.55
CA ASP A 229 -1.58 25.77 -13.74
C ASP A 229 -1.31 24.56 -14.63
N SER A 230 -0.09 24.03 -14.56
CA SER A 230 0.31 22.85 -15.34
C SER A 230 -0.65 21.68 -15.16
N LEU A 231 -1.23 21.58 -13.96
CA LEU A 231 -2.06 20.43 -13.61
C LEU A 231 -3.55 20.60 -13.94
N ALA A 232 -3.97 21.84 -14.21
CA ALA A 232 -5.40 22.12 -14.45
C ALA A 232 -5.64 23.48 -15.13
N SER A 233 -5.92 23.44 -16.42
CA SER A 233 -6.18 24.66 -17.18
C SER A 233 -7.54 25.26 -16.85
N PRO A 234 -7.72 26.57 -17.14
CA PRO A 234 -8.99 27.25 -16.89
C PRO A 234 -10.21 26.52 -17.46
N GLU A 235 -9.98 25.68 -18.47
CA GLU A 235 -11.05 24.90 -19.07
C GLU A 235 -11.48 23.75 -18.16
N VAL A 236 -10.56 23.27 -17.33
CA VAL A 236 -10.89 22.29 -16.30
C VAL A 236 -11.79 22.88 -15.22
N GLY A 237 -11.40 24.04 -14.70
CA GLY A 237 -12.22 24.73 -13.73
C GLY A 237 -13.59 25.09 -14.29
N GLN A 238 -13.59 25.60 -15.52
CA GLN A 238 -14.81 25.94 -16.26
C GLN A 238 -15.74 24.73 -16.41
N TYR A 239 -15.15 23.60 -16.77
CA TYR A 239 -15.89 22.35 -16.91
C TYR A 239 -16.60 21.98 -15.61
N ALA A 241 -17.42 23.95 -12.93
CA ALA A 241 -18.51 24.87 -12.58
C ALA A 241 -19.77 24.59 -13.37
N GLU A 242 -19.61 24.23 -14.64
CA GLU A 242 -20.75 23.95 -15.52
C GLU A 242 -21.54 22.72 -15.05
N ASN A 243 -20.87 21.80 -14.37
CA ASN A 243 -21.45 20.49 -14.06
C ASN A 243 -21.81 20.31 -12.59
N ILE A 244 -21.14 21.06 -11.71
CA ILE A 244 -21.60 21.12 -10.33
C ILE A 244 -22.79 22.08 -10.32
N PRO A 245 -23.99 21.55 -10.01
CA PRO A 245 -25.28 22.25 -10.14
C PRO A 245 -25.28 23.67 -9.56
N ASN A 246 -24.91 23.81 -8.29
CA ASN A 246 -24.82 25.11 -7.64
C ASN A 246 -23.37 25.46 -7.35
N SER A 247 -22.72 26.11 -8.30
CA SER A 247 -21.30 26.40 -8.16
C SER A 247 -20.96 27.83 -8.59
N GLN A 248 -19.76 28.24 -8.23
CA GLN A 248 -19.24 29.55 -8.61
C GLN A 248 -17.72 29.47 -8.74
N LEU A 249 -17.20 29.83 -9.91
CA LEU A 249 -15.76 29.84 -10.15
C LEU A 249 -15.19 31.25 -10.12
N GLU A 250 -14.04 31.42 -9.46
CA GLU A 250 -13.27 32.66 -9.58
C GLU A 250 -11.89 32.32 -10.12
N LEU A 251 -11.50 33.00 -11.19
CA LEU A 251 -10.17 32.84 -11.77
C LEU A 251 -9.16 33.73 -11.04
N ILE A 252 -8.01 33.15 -10.69
CA ILE A 252 -7.05 33.86 -9.86
C ILE A 252 -5.79 34.13 -10.69
N GLN A 253 -5.29 35.36 -10.65
CA GLN A 253 -4.06 35.70 -11.36
C GLN A 253 -2.87 35.20 -10.58
N ALA A 254 -2.44 33.99 -10.90
CA ALA A 254 -1.36 33.35 -10.15
C ALA A 254 -0.86 32.11 -10.90
N GLU A 255 0.24 31.56 -10.40
CA GLU A 255 0.89 30.42 -11.05
C GLU A 255 0.93 29.25 -10.09
N GLY A 256 0.81 28.03 -10.62
CA GLY A 256 0.94 26.85 -9.81
C GLY A 256 -0.37 26.25 -9.35
N HIS A 257 -0.27 25.12 -8.65
CA HIS A 257 -1.44 24.34 -8.30
C HIS A 257 -1.71 24.44 -6.80
N CYS A 258 -0.96 25.31 -6.11
CA CYS A 258 -1.06 25.47 -4.66
C CYS A 258 -1.34 26.89 -4.18
N LEU A 259 -2.46 27.46 -4.60
CA LEU A 259 -2.77 28.85 -4.29
C LEU A 259 -2.91 29.14 -2.80
N HIS A 260 -3.27 28.13 -2.04
CA HIS A 260 -3.37 28.29 -0.58
C HIS A 260 -2.02 28.54 0.07
N THR A 262 0.94 29.82 -2.07
CA THR A 262 1.63 30.86 -2.81
C THR A 262 0.88 32.19 -2.82
N ASP A 263 -0.45 32.11 -2.73
CA ASP A 263 -1.30 33.30 -2.88
C ASP A 263 -2.46 33.30 -1.90
N ALA A 264 -2.18 32.94 -0.66
CA ALA A 264 -3.20 32.94 0.38
C ALA A 264 -3.89 34.31 0.45
N GLY A 265 -3.12 35.38 0.27
CA GLY A 265 -3.64 36.73 0.33
C GLY A 265 -4.67 37.02 -0.76
N LEU A 266 -4.51 36.38 -1.92
CA LEU A 266 -5.48 36.55 -2.99
C LEU A 266 -6.82 35.83 -2.75
N ILE A 267 -6.78 34.61 -2.21
CA ILE A 267 -8.02 33.83 -2.12
C ILE A 267 -8.72 33.86 -0.76
N THR A 268 -7.97 34.10 0.31
CA THR A 268 -8.54 34.03 1.67
C THR A 268 -9.73 34.97 1.95
N PRO A 269 -9.60 36.28 1.64
CA PRO A 269 -10.72 37.20 1.87
C PRO A 269 -11.96 36.80 1.09
N LEU A 270 -11.76 36.20 -0.09
CA LEU A 270 -12.86 35.81 -0.94
C LEU A 270 -13.60 34.60 -0.38
N LEU A 271 -12.85 33.59 0.05
CA LEU A 271 -13.49 32.39 0.57
C LEU A 271 -14.11 32.67 1.94
N ILE A 272 -13.48 33.56 2.70
CA ILE A 272 -14.05 33.95 3.99
C ILE A 272 -15.41 34.62 3.77
N HIS A 273 -15.47 35.54 2.84
CA HIS A 273 -16.73 36.20 2.50
C HIS A 273 -17.79 35.19 2.01
N PHE A 274 -17.37 34.20 1.24
CA PHE A 274 -18.27 33.16 0.78
C PHE A 274 -18.85 32.33 1.96
N ILE A 275 -17.96 31.88 2.86
CA ILE A 275 -18.37 31.09 4.02
C ILE A 275 -19.24 31.85 5.01
N GLN A 276 -19.00 33.15 5.15
CA GLN A 276 -19.77 34.00 6.05
C GLN A 276 -21.15 34.37 5.51
N ASN A 277 -21.31 34.39 4.19
CA ASN A 277 -22.53 34.94 3.60
C ASN A 277 -23.27 33.98 2.66
N ASN A 278 -22.82 32.74 2.57
CA ASN A 278 -23.36 31.77 1.62
C ASN A 278 -24.89 31.82 1.52
N GLY B 1 17.01 4.25 -8.69
CA GLY B 1 17.82 5.08 -7.81
C GLY B 1 18.69 4.25 -6.90
N ILE B 3 18.24 3.99 -3.60
CA ILE B 3 17.55 3.79 -2.34
C ILE B 3 16.78 2.49 -2.34
N LYS B 4 16.44 2.02 -1.14
N LYS B 4 16.47 2.02 -1.13
CA LYS B 4 15.88 0.68 -0.97
CA LYS B 4 15.87 0.70 -0.93
C LYS B 4 14.45 0.47 -1.44
C LYS B 4 14.51 0.50 -1.61
N GLN B 5 13.68 1.55 -1.61
CA GLN B 5 12.31 1.44 -2.12
C GLN B 5 12.29 1.40 -3.65
N ASP B 6 13.43 1.72 -4.26
CA ASP B 6 13.56 1.70 -5.73
C ASP B 6 13.70 0.27 -6.26
N VAL B 7 13.20 0.06 -7.48
CA VAL B 7 13.14 -1.26 -8.10
C VAL B 7 13.52 -1.14 -9.56
N ILE B 8 14.49 -1.94 -10.01
CA ILE B 8 14.87 -1.98 -11.41
C ILE B 8 13.82 -2.67 -12.27
N CYS B 9 13.50 -2.07 -13.42
CA CYS B 9 12.56 -2.69 -14.33
C CYS B 9 13.34 -3.39 -15.42
N TYR B 10 13.47 -4.71 -15.29
CA TYR B 10 14.13 -5.51 -16.32
C TYR B 10 13.17 -5.81 -17.46
N GLU B 11 13.69 -6.30 -18.57
CA GLU B 11 12.85 -6.77 -19.65
C GLU B 11 12.14 -8.04 -19.17
N LYS B 12 10.89 -8.23 -19.58
CA LYS B 12 10.10 -9.37 -19.13
C LYS B 12 10.82 -10.71 -19.35
N GLU B 13 11.27 -10.97 -20.57
CA GLU B 13 11.92 -12.25 -20.86
C GLU B 13 13.16 -12.46 -20.00
N ASP B 14 13.81 -11.38 -19.59
N ASP B 14 13.81 -11.38 -19.60
CA ASP B 14 15.00 -11.46 -18.76
CA ASP B 14 14.97 -11.44 -18.74
C ASP B 14 14.66 -11.96 -17.33
C ASP B 14 14.61 -12.03 -17.37
N VAL B 15 13.56 -11.49 -16.77
CA VAL B 15 13.13 -11.95 -15.46
C VAL B 15 12.56 -13.38 -15.56
N VAL B 16 11.89 -13.68 -16.67
CA VAL B 16 11.35 -15.01 -16.91
C VAL B 16 12.48 -16.05 -16.90
N LYS B 17 13.60 -15.71 -17.53
CA LYS B 17 14.76 -16.60 -17.56
C LYS B 17 15.39 -16.70 -16.16
N ARG B 18 15.62 -15.56 -15.53
CA ARG B 18 16.33 -15.52 -14.26
C ARG B 18 15.62 -16.26 -13.14
N ASN B 19 14.29 -16.12 -13.09
CA ASN B 19 13.49 -16.71 -12.03
C ASN B 19 12.66 -17.94 -12.46
N ASN B 20 12.97 -18.49 -13.63
CA ASN B 20 12.23 -19.66 -14.11
C ASN B 20 10.73 -19.46 -13.93
N ILE B 21 10.25 -18.31 -14.38
CA ILE B 21 8.84 -17.96 -14.26
C ILE B 21 7.97 -18.78 -15.21
N ASN B 22 6.87 -19.31 -14.68
CA ASN B 22 5.92 -20.07 -15.49
C ASN B 22 4.49 -19.64 -15.23
N ILE B 23 3.75 -19.39 -16.31
CA ILE B 23 2.40 -18.87 -16.19
C ILE B 23 1.36 -19.82 -16.77
N THR B 24 0.37 -20.15 -15.95
CA THR B 24 -0.73 -21.03 -16.33
C THR B 24 -2.08 -20.44 -15.89
N GLY B 25 -3.17 -21.18 -16.09
CA GLY B 25 -4.50 -20.70 -15.78
C GLY B 25 -5.00 -19.67 -16.78
N GLY B 26 -5.95 -18.84 -16.34
CA GLY B 26 -6.47 -17.79 -17.19
C GLY B 26 -7.33 -16.84 -16.39
N GLY B 27 -7.66 -15.70 -16.98
CA GLY B 27 -8.47 -14.71 -16.30
C GLY B 27 -7.72 -13.46 -15.90
N GLU B 28 -8.46 -12.37 -15.72
CA GLU B 28 -7.88 -11.06 -15.37
C GLU B 28 -7.18 -11.05 -14.01
N LYS B 29 -7.82 -11.69 -13.04
CA LYS B 29 -7.22 -11.79 -11.71
C LYS B 29 -5.99 -12.69 -11.70
N THR B 30 -4.90 -12.16 -11.17
CA THR B 30 -3.62 -12.86 -11.15
C THR B 30 -3.16 -13.17 -9.73
N VAL B 31 -2.70 -14.41 -9.52
CA VAL B 31 -2.06 -14.82 -8.29
C VAL B 31 -0.58 -15.11 -8.53
N LEU B 32 0.25 -14.85 -7.52
CA LEU B 32 1.69 -15.07 -7.57
C LEU B 32 2.07 -15.98 -6.43
N LEU B 33 2.69 -17.12 -6.76
CA LEU B 33 3.02 -18.16 -5.81
C LEU B 33 4.52 -18.20 -5.52
N ALA B 34 4.88 -18.03 -4.25
CA ALA B 34 6.28 -17.91 -3.83
C ALA B 34 6.63 -19.00 -2.82
N HIS B 35 7.58 -19.86 -3.19
CA HIS B 35 7.92 -21.06 -2.43
C HIS B 35 8.71 -20.82 -1.16
N GLY B 36 8.80 -21.85 -0.33
CA GLY B 36 9.46 -21.73 0.96
C GLY B 36 10.93 -22.10 0.90
N PHE B 37 11.55 -22.22 2.06
CA PHE B 37 12.98 -22.50 2.13
C PHE B 37 13.36 -23.87 1.52
N GLY B 38 14.38 -23.87 0.67
CA GLY B 38 14.93 -25.10 0.13
C GLY B 38 14.00 -25.81 -0.86
N CYS B 39 12.94 -25.13 -1.26
CA CYS B 39 11.97 -25.70 -2.17
C CYS B 39 12.04 -24.99 -3.50
N ASP B 40 11.12 -25.35 -4.40
CA ASP B 40 10.98 -24.67 -5.68
C ASP B 40 9.52 -24.62 -6.11
N GLN B 41 9.26 -24.10 -7.31
CA GLN B 41 7.88 -23.87 -7.75
C GLN B 41 7.07 -25.17 -7.88
N ASN B 42 7.75 -26.30 -8.03
CA ASN B 42 7.05 -27.58 -8.16
C ASN B 42 6.28 -27.97 -6.89
N TRP B 44 4.15 -26.30 -5.56
CA TRP B 44 2.80 -25.75 -5.72
C TRP B 44 1.83 -26.68 -6.47
N ARG B 45 2.32 -27.82 -6.90
CA ARG B 45 1.54 -28.67 -7.81
C ARG B 45 0.21 -29.16 -7.22
N PHE B 46 0.13 -29.32 -5.90
CA PHE B 46 -1.09 -29.80 -5.29
C PHE B 46 -2.20 -28.76 -5.35
N LEU B 48 -2.16 -26.10 -7.71
CA LEU B 48 -2.25 -25.48 -9.03
C LEU B 48 -3.60 -25.67 -9.71
N PRO B 49 -4.07 -26.92 -9.82
CA PRO B 49 -5.28 -27.18 -10.61
C PRO B 49 -6.50 -26.36 -10.18
N GLU B 50 -6.74 -26.27 -8.88
CA GLU B 50 -7.88 -25.51 -8.41
C GLU B 50 -7.69 -24.01 -8.65
N LEU B 51 -6.46 -23.53 -8.47
CA LEU B 51 -6.15 -22.13 -8.65
C LEU B 51 -6.26 -21.72 -10.12
N GLU B 52 -5.82 -22.61 -11.02
CA GLU B 52 -5.83 -22.36 -12.47
C GLU B 52 -7.24 -22.27 -13.06
N LYS B 53 -8.19 -22.86 -12.35
CA LYS B 53 -9.60 -22.76 -12.70
C LYS B 53 -10.17 -21.37 -12.45
N GLN B 54 -9.50 -20.57 -11.64
CA GLN B 54 -10.04 -19.27 -11.23
C GLN B 54 -9.16 -18.09 -11.65
N PHE B 55 -7.85 -18.31 -11.69
CA PHE B 55 -6.90 -17.21 -11.88
C PHE B 55 -5.86 -17.47 -12.95
N THR B 56 -5.20 -16.41 -13.39
CA THR B 56 -3.89 -16.55 -14.04
C THR B 56 -2.90 -16.79 -12.92
N VAL B 57 -2.13 -17.88 -13.02
CA VAL B 57 -1.27 -18.31 -11.93
C VAL B 57 0.20 -18.13 -12.33
N ILE B 58 0.96 -17.41 -11.52
CA ILE B 58 2.37 -17.21 -11.82
C ILE B 58 3.24 -17.85 -10.77
N VAL B 59 4.17 -18.70 -11.22
CA VAL B 59 5.14 -19.30 -10.32
C VAL B 59 6.55 -18.99 -10.78
N PHE B 60 7.49 -19.05 -9.85
CA PHE B 60 8.88 -18.74 -10.14
C PHE B 60 9.74 -19.45 -9.10
N ASP B 61 11.03 -19.54 -9.38
CA ASP B 61 12.01 -20.00 -8.40
C ASP B 61 12.84 -18.78 -8.03
N TYR B 62 13.11 -18.62 -6.73
CA TYR B 62 14.00 -17.55 -6.29
C TYR B 62 15.37 -17.79 -6.91
N VAL B 63 16.10 -16.72 -7.20
CA VAL B 63 17.45 -16.86 -7.72
C VAL B 63 18.25 -17.78 -6.81
N GLY B 64 18.84 -18.84 -7.40
CA GLY B 64 19.60 -19.80 -6.62
C GLY B 64 18.83 -21.08 -6.30
N SER B 65 17.50 -20.99 -6.33
CA SER B 65 16.63 -22.13 -6.06
C SER B 65 16.17 -22.79 -7.33
N GLY B 66 15.87 -24.09 -7.25
CA GLY B 66 15.28 -24.79 -8.38
C GLY B 66 16.04 -24.60 -9.68
N GLN B 67 15.33 -24.16 -10.70
CA GLN B 67 15.89 -24.02 -12.04
C GLN B 67 16.04 -22.56 -12.47
N SER B 68 16.28 -21.71 -11.49
CA SER B 68 16.57 -20.30 -11.76
C SER B 68 18.02 -20.15 -12.20
N ASP B 69 18.39 -18.93 -12.58
CA ASP B 69 19.77 -18.64 -13.00
C ASP B 69 20.69 -18.56 -11.79
N LEU B 70 21.51 -19.59 -11.59
CA LEU B 70 22.43 -19.63 -10.46
C LEU B 70 23.46 -18.50 -10.54
N GLU B 71 23.77 -18.06 -11.76
CA GLU B 71 24.80 -17.06 -11.99
C GLU B 71 24.42 -15.69 -11.45
N SER B 72 23.10 -15.49 -11.29
CA SER B 72 22.56 -14.24 -10.77
C SER B 72 22.60 -14.20 -9.24
N PHE B 73 23.06 -15.30 -8.63
CA PHE B 73 23.06 -15.42 -7.18
C PHE B 73 24.24 -14.69 -6.53
N SER B 74 24.00 -14.14 -5.34
CA SER B 74 24.99 -13.36 -4.65
C SER B 74 24.82 -13.52 -3.17
N THR B 75 25.89 -13.92 -2.49
CA THR B 75 25.81 -14.09 -1.04
C THR B 75 25.56 -12.74 -0.38
N LYS B 76 25.81 -11.66 -1.10
CA LYS B 76 25.57 -10.32 -0.58
C LYS B 76 24.08 -9.99 -0.57
N ARG B 77 23.48 -10.09 -1.75
CA ARG B 77 22.06 -9.81 -1.89
C ARG B 77 21.18 -10.76 -1.09
N TYR B 78 21.49 -12.06 -1.14
CA TYR B 78 20.58 -13.05 -0.59
C TYR B 78 20.91 -13.47 0.83
N SER B 79 21.82 -12.73 1.45
CA SER B 79 22.17 -12.98 2.85
C SER B 79 21.07 -12.47 3.76
N SER B 80 20.15 -11.66 3.22
CA SER B 80 18.96 -11.28 3.98
C SER B 80 17.69 -11.48 3.17
N LEU B 81 16.57 -11.53 3.88
CA LEU B 81 15.28 -11.74 3.24
C LEU B 81 14.90 -10.52 2.39
N GLU B 82 15.59 -9.40 2.61
CA GLU B 82 15.41 -8.21 1.79
C GLU B 82 15.84 -8.45 0.35
N GLY B 83 16.88 -9.24 0.15
CA GLY B 83 17.34 -9.59 -1.19
C GLY B 83 16.39 -10.48 -1.97
N TYR B 84 15.73 -11.38 -1.26
CA TYR B 84 14.69 -12.24 -1.83
C TYR B 84 13.44 -11.45 -2.21
N ALA B 85 13.06 -10.50 -1.36
CA ALA B 85 11.91 -9.64 -1.67
C ALA B 85 12.15 -8.86 -2.96
N LYS B 86 13.41 -8.51 -3.20
N LYS B 86 13.41 -8.49 -3.20
CA LYS B 86 13.81 -7.79 -4.41
CA LYS B 86 13.75 -7.78 -4.42
C LYS B 86 13.44 -8.59 -5.66
C LYS B 86 13.40 -8.59 -5.67
N ASP B 87 13.58 -9.91 -5.60
CA ASP B 87 13.17 -10.78 -6.71
C ASP B 87 11.69 -10.56 -6.98
N VAL B 88 10.92 -10.58 -5.90
CA VAL B 88 9.47 -10.41 -5.98
C VAL B 88 9.13 -9.03 -6.54
N GLU B 89 9.81 -8.02 -6.04
CA GLU B 89 9.57 -6.65 -6.47
C GLU B 89 9.87 -6.51 -7.96
N GLU B 90 10.99 -7.09 -8.39
CA GLU B 90 11.42 -7.00 -9.77
C GLU B 90 10.52 -7.77 -10.73
N ILE B 91 9.90 -8.84 -10.25
CA ILE B 91 8.92 -9.57 -11.05
C ILE B 91 7.64 -8.76 -11.31
N LEU B 92 7.10 -8.15 -10.26
CA LEU B 92 5.88 -7.37 -10.42
C LEU B 92 6.08 -6.15 -11.31
N VAL B 93 7.23 -5.50 -11.16
CA VAL B 93 7.54 -4.31 -11.97
C VAL B 93 7.83 -4.67 -13.44
N ALA B 94 8.60 -5.74 -13.66
CA ALA B 94 8.94 -6.18 -15.00
C ALA B 94 7.71 -6.65 -15.79
N LEU B 95 6.86 -7.44 -15.14
CA LEU B 95 5.65 -7.92 -15.79
C LEU B 95 4.58 -6.84 -15.77
N ASP B 96 4.92 -5.72 -15.15
CA ASP B 96 3.97 -4.62 -14.89
C ASP B 96 2.58 -5.12 -14.47
N LEU B 97 2.50 -5.74 -13.29
CA LEU B 97 1.25 -6.28 -12.80
C LEU B 97 0.69 -5.40 -11.69
N VAL B 98 -0.63 -5.37 -11.59
CA VAL B 98 -1.34 -4.74 -10.48
C VAL B 98 -2.45 -5.66 -10.00
N ASN B 99 -2.99 -5.39 -8.81
CA ASN B 99 -4.07 -6.20 -8.25
C ASN B 99 -3.67 -7.67 -8.14
N VAL B 100 -2.41 -7.90 -7.76
CA VAL B 100 -1.89 -9.25 -7.64
C VAL B 100 -2.06 -9.83 -6.24
N SER B 101 -2.61 -11.03 -6.15
CA SER B 101 -2.69 -11.72 -4.88
C SER B 101 -1.47 -12.63 -4.71
N ILE B 102 -0.69 -12.36 -3.69
CA ILE B 102 0.48 -13.18 -3.38
C ILE B 102 0.14 -14.29 -2.38
N ILE B 103 0.47 -15.51 -2.75
CA ILE B 103 0.30 -16.65 -1.88
C ILE B 103 1.69 -17.17 -1.56
N GLY B 104 2.11 -17.02 -0.30
CA GLY B 104 3.46 -17.38 0.09
C GLY B 104 3.51 -18.50 1.11
N HIS B 105 4.52 -19.34 0.98
CA HIS B 105 4.71 -20.43 1.91
C HIS B 105 5.85 -20.09 2.84
N SER B 106 5.56 -20.11 4.14
CA SER B 106 6.60 -20.11 5.15
C SER B 106 7.35 -18.80 5.17
N VAL B 107 8.66 -18.89 4.98
CA VAL B 107 9.52 -17.71 4.91
C VAL B 107 9.06 -16.74 3.81
N SER B 108 8.35 -17.23 2.80
CA SER B 108 7.87 -16.36 1.74
C SER B 108 6.74 -15.44 2.20
N SER B 109 6.15 -15.75 3.35
CA SER B 109 5.18 -14.87 3.98
C SER B 109 5.85 -13.56 4.34
N ILE B 110 7.01 -13.67 4.98
CA ILE B 110 7.80 -12.51 5.36
C ILE B 110 8.38 -11.80 4.13
N ILE B 111 8.88 -12.59 3.17
CA ILE B 111 9.46 -12.06 1.95
C ILE B 111 8.43 -11.24 1.20
N ALA B 112 7.21 -11.76 1.12
CA ALA B 112 6.10 -11.02 0.52
C ALA B 112 5.80 -9.75 1.31
N GLY B 113 5.86 -9.83 2.64
CA GLY B 113 5.62 -8.67 3.47
C GLY B 113 6.60 -7.55 3.21
N ILE B 114 7.89 -7.89 3.09
CA ILE B 114 8.93 -6.93 2.77
C ILE B 114 8.72 -6.34 1.39
N ALA B 115 8.35 -7.18 0.43
CA ALA B 115 8.08 -6.69 -0.91
C ALA B 115 6.93 -5.69 -0.87
N SER B 116 5.96 -5.93 0.01
CA SER B 116 4.77 -5.08 0.04
C SER B 116 5.09 -3.66 0.51
N THR B 117 6.21 -3.50 1.22
CA THR B 117 6.58 -2.17 1.72
C THR B 117 7.17 -1.30 0.61
N HIS B 118 7.46 -1.92 -0.53
CA HIS B 118 8.01 -1.21 -1.68
C HIS B 118 7.12 -1.23 -2.92
N VAL B 119 6.44 -2.35 -3.17
CA VAL B 119 5.51 -2.42 -4.31
C VAL B 119 4.12 -2.84 -3.88
N GLY B 120 3.79 -2.59 -2.60
CA GLY B 120 2.47 -2.89 -2.05
C GLY B 120 1.33 -2.30 -2.86
N ASP B 121 1.61 -1.35 -3.75
CA ASP B 121 0.58 -0.78 -4.61
C ASP B 121 0.10 -1.75 -5.70
N ARG B 122 0.87 -2.80 -5.96
CA ARG B 122 0.51 -3.76 -6.98
C ARG B 122 -0.06 -5.02 -6.36
N ILE B 123 -0.10 -5.07 -5.03
CA ILE B 123 -0.49 -6.26 -4.29
C ILE B 123 -1.85 -6.06 -3.61
N SER B 124 -2.82 -6.88 -3.94
CA SER B 124 -4.14 -6.72 -3.34
C SER B 124 -4.21 -7.35 -1.94
N ASP B 125 -3.50 -8.45 -1.75
CA ASP B 125 -3.51 -9.16 -0.48
C ASP B 125 -2.37 -10.17 -0.44
N ILE B 126 -2.06 -10.68 0.74
CA ILE B 126 -1.05 -11.73 0.87
C ILE B 126 -1.60 -12.88 1.68
N THR B 127 -1.52 -14.08 1.11
CA THR B 127 -1.89 -15.27 1.85
C THR B 127 -0.62 -15.87 2.43
N ILE B 129 0.88 -18.95 4.27
CA ILE B 129 0.75 -20.35 4.65
C ILE B 129 1.88 -20.76 5.61
N CYS B 130 1.53 -20.93 6.89
CA CYS B 130 2.49 -21.29 7.95
C CYS B 130 3.67 -20.32 8.09
N PRO B 131 3.39 -19.05 8.42
CA PRO B 131 4.47 -18.07 8.59
C PRO B 131 5.08 -18.05 9.99
N SER B 132 6.27 -17.46 10.08
CA SER B 132 6.91 -17.10 11.34
C SER B 132 7.80 -15.89 11.10
N PRO B 133 7.70 -14.87 11.96
CA PRO B 133 8.55 -13.68 11.80
C PRO B 133 9.94 -13.88 12.38
N CYS B 134 10.12 -14.93 13.17
CA CYS B 134 11.32 -15.13 13.96
C CYS B 134 11.27 -16.45 14.70
N PHE B 135 12.35 -17.23 14.60
CA PHE B 135 12.40 -18.53 15.24
C PHE B 135 12.97 -18.49 16.65
N ASN B 137 13.56 -16.86 20.71
CA ASN B 137 12.70 -16.64 21.86
C ASN B 137 12.95 -15.29 22.51
N PHE B 138 11.88 -14.50 22.65
CA PHE B 138 11.93 -13.27 23.44
C PHE B 138 10.77 -13.29 24.43
N PRO B 139 10.84 -14.17 25.43
CA PRO B 139 9.73 -14.36 26.37
C PRO B 139 9.59 -13.17 27.31
N PRO B 140 8.39 -13.01 27.90
CA PRO B 140 7.27 -13.91 27.60
C PRO B 140 6.39 -13.47 26.44
N ASP B 141 6.63 -12.28 25.87
CA ASP B 141 5.78 -11.74 24.84
C ASP B 141 5.91 -12.47 23.49
N TYR B 142 7.08 -13.00 23.20
CA TYR B 142 7.25 -13.76 21.96
C TYR B 142 8.12 -14.98 22.12
N VAL B 143 7.58 -16.14 21.78
CA VAL B 143 8.35 -17.38 21.79
C VAL B 143 8.33 -18.04 20.41
N GLY B 144 9.43 -17.89 19.66
CA GLY B 144 9.52 -18.42 18.32
C GLY B 144 9.75 -19.92 18.27
N GLY B 145 10.28 -20.47 19.35
CA GLY B 145 10.35 -21.91 19.55
C GLY B 145 11.74 -22.53 19.62
N PHE B 146 12.76 -21.74 19.35
CA PHE B 146 14.14 -22.25 19.26
C PHE B 146 15.15 -21.42 20.01
N GLU B 147 15.91 -22.07 20.88
CA GLU B 147 17.07 -21.46 21.52
C GLU B 147 18.11 -21.13 20.47
N ARG B 148 18.74 -19.97 20.60
CA ARG B 148 19.79 -19.54 19.66
C ARG B 148 20.90 -20.59 19.54
N ASP B 149 21.19 -21.22 20.67
CA ASP B 149 22.18 -22.30 20.72
C ASP B 149 21.82 -23.37 19.69
N ASP B 150 20.55 -23.71 19.59
CA ASP B 150 20.15 -24.76 18.67
C ASP B 150 20.11 -24.30 17.21
N LEU B 151 19.81 -23.02 16.98
CA LEU B 151 19.85 -22.48 15.63
C LEU B 151 21.27 -22.47 15.11
N GLU B 152 22.22 -22.17 16.00
CA GLU B 152 23.65 -22.25 15.69
C GLU B 152 24.08 -23.66 15.29
N GLU B 153 23.60 -24.66 16.02
CA GLU B 153 23.97 -26.04 15.72
C GLU B 153 23.32 -26.55 14.43
N LEU B 154 22.11 -26.07 14.13
CA LEU B 154 21.44 -26.41 12.89
C LEU B 154 22.26 -25.94 11.70
N ILE B 155 22.68 -24.68 11.77
CA ILE B 155 23.47 -24.08 10.69
C ILE B 155 24.84 -24.74 10.56
N ASN B 156 25.48 -25.03 11.69
CA ASN B 156 26.79 -25.67 11.74
C ASN B 156 26.76 -27.08 11.16
N LEU B 157 25.60 -27.72 11.22
CA LEU B 157 25.48 -29.10 10.78
C LEU B 157 25.59 -29.20 9.25
N ASP B 159 27.53 -27.77 7.27
CA ASP B 159 28.93 -27.82 6.85
C ASP B 159 29.53 -29.18 7.19
N LYS B 160 29.27 -29.63 8.42
CA LYS B 160 29.90 -30.83 8.96
C LYS B 160 29.24 -32.12 8.50
N ASN B 161 27.91 -32.11 8.44
CA ASN B 161 27.13 -33.27 8.02
C ASN B 161 25.87 -32.86 7.25
N TYR B 162 26.02 -32.51 5.98
CA TYR B 162 24.88 -31.95 5.23
C TYR B 162 23.67 -32.88 5.12
N ILE B 163 23.89 -34.18 4.91
CA ILE B 163 22.76 -35.12 4.87
C ILE B 163 22.08 -35.30 6.23
N GLY B 164 22.85 -35.22 7.31
CA GLY B 164 22.30 -35.24 8.66
C GLY B 164 21.42 -34.02 8.92
N TRP B 165 21.85 -32.88 8.42
CA TRP B 165 21.04 -31.68 8.49
C TRP B 165 19.72 -31.85 7.74
N ALA B 166 19.78 -32.38 6.51
CA ALA B 166 18.60 -32.57 5.69
C ALA B 166 17.67 -33.61 6.29
N ASN B 167 18.26 -34.65 6.89
CA ASN B 167 17.51 -35.74 7.50
C ASN B 167 16.81 -35.28 8.75
N TYR B 168 17.40 -34.29 9.41
CA TYR B 168 16.80 -33.69 10.60
C TYR B 168 15.74 -32.66 10.23
N LEU B 169 16.05 -31.78 9.28
CA LEU B 169 15.20 -30.63 9.02
C LEU B 169 13.97 -30.98 8.20
N ALA B 170 14.13 -31.90 7.26
CA ALA B 170 13.00 -32.31 6.41
C ALA B 170 11.77 -32.75 7.22
N PRO B 171 11.93 -33.71 8.14
CA PRO B 171 10.74 -34.13 8.90
C PRO B 171 10.23 -33.08 9.88
N LEU B 172 11.12 -32.17 10.30
CA LEU B 172 10.75 -31.08 11.18
C LEU B 172 9.84 -30.06 10.50
N VAL B 173 10.15 -29.76 9.24
CA VAL B 173 9.38 -28.84 8.42
C VAL B 173 8.09 -29.46 7.88
N GLY B 175 6.70 -32.30 8.97
CA GLY B 175 5.89 -32.89 10.01
C GLY B 175 6.16 -34.37 10.04
N ALA B 176 6.57 -34.88 11.20
CA ALA B 176 7.09 -36.24 11.30
C ALA B 176 6.05 -37.29 10.92
N SER B 177 4.78 -36.95 11.13
CA SER B 177 3.68 -37.88 10.92
C SER B 177 3.38 -38.16 9.46
N HIS B 178 3.94 -37.36 8.55
CA HIS B 178 3.63 -37.48 7.13
C HIS B 178 4.38 -38.58 6.39
N SER B 179 3.98 -38.82 5.15
CA SER B 179 4.53 -39.94 4.38
C SER B 179 6.01 -39.77 4.13
N SER B 180 6.68 -40.88 3.86
CA SER B 180 8.10 -40.87 3.56
C SER B 180 8.30 -40.21 2.21
N GLU B 181 7.33 -40.39 1.31
CA GLU B 181 7.42 -39.81 -0.01
C GLU B 181 7.31 -38.28 0.04
N LEU B 182 6.50 -37.75 0.96
CA LEU B 182 6.43 -36.30 1.17
C LEU B 182 7.65 -35.76 1.91
N ILE B 183 8.02 -36.41 3.01
CA ILE B 183 9.18 -35.98 3.78
C ILE B 183 10.45 -36.05 2.94
N GLY B 184 10.58 -37.14 2.18
CA GLY B 184 11.70 -37.33 1.30
C GLY B 184 11.75 -36.38 0.12
N GLU B 185 10.59 -35.93 -0.35
CA GLU B 185 10.59 -34.93 -1.42
C GLU B 185 11.32 -33.67 -0.96
N LEU B 186 11.09 -33.28 0.29
CA LEU B 186 11.72 -32.10 0.87
C LEU B 186 13.23 -32.28 1.09
N SER B 187 13.64 -33.35 1.74
CA SER B 187 15.08 -33.60 1.85
C SER B 187 15.75 -33.67 0.48
N GLY B 188 15.06 -34.24 -0.50
CA GLY B 188 15.61 -34.32 -1.84
C GLY B 188 15.84 -32.95 -2.44
N SER B 189 14.85 -32.07 -2.25
CA SER B 189 15.02 -30.68 -2.64
C SER B 189 16.20 -30.01 -1.90
N PHE B 190 16.33 -30.25 -0.59
CA PHE B 190 17.47 -29.73 0.19
C PHE B 190 18.81 -30.19 -0.40
N CYS B 191 18.86 -31.45 -0.81
CA CYS B 191 20.10 -32.08 -1.24
C CYS B 191 20.51 -31.67 -2.65
N THR B 192 19.53 -31.29 -3.48
CA THR B 192 19.81 -30.90 -4.86
C THR B 192 19.98 -29.38 -5.02
N THR B 193 19.91 -28.67 -3.92
CA THR B 193 20.07 -27.22 -3.90
C THR B 193 21.56 -26.94 -3.78
N ASP B 194 22.05 -25.94 -4.51
CA ASP B 194 23.47 -25.57 -4.41
C ASP B 194 23.84 -25.30 -2.95
N PRO B 195 24.97 -25.87 -2.47
CA PRO B 195 25.25 -25.80 -1.03
C PRO B 195 25.43 -24.37 -0.50
N ILE B 196 25.96 -23.49 -1.34
CA ILE B 196 26.16 -22.10 -0.95
C ILE B 196 24.84 -21.35 -0.84
N VAL B 197 23.94 -21.58 -1.79
CA VAL B 197 22.63 -20.97 -1.71
C VAL B 197 21.90 -21.51 -0.48
N ALA B 198 21.93 -22.83 -0.31
CA ALA B 198 21.27 -23.46 0.84
C ALA B 198 21.73 -22.85 2.16
N LYS B 199 23.03 -22.72 2.36
CA LYS B 199 23.55 -22.14 3.60
C LYS B 199 23.14 -20.68 3.71
N THR B 200 23.22 -19.93 2.61
CA THR B 200 22.87 -18.52 2.63
C THR B 200 21.38 -18.34 2.93
N PHE B 201 20.55 -18.99 2.13
CA PHE B 201 19.09 -19.00 2.31
C PHE B 201 18.76 -19.43 3.75
N ALA B 202 19.46 -20.45 4.25
CA ALA B 202 19.14 -21.01 5.57
C ALA B 202 19.42 -20.02 6.70
N LYS B 203 20.54 -19.32 6.62
CA LYS B 203 20.85 -18.32 7.63
C LYS B 203 19.89 -17.13 7.56
N ALA B 204 19.57 -16.70 6.35
CA ALA B 204 18.63 -15.61 6.13
C ALA B 204 17.25 -15.93 6.71
N THR B 205 16.87 -17.20 6.60
CA THR B 205 15.58 -17.67 7.07
C THR B 205 15.52 -17.90 8.59
N PHE B 206 16.48 -18.63 9.14
CA PHE B 206 16.38 -19.05 10.54
C PHE B 206 17.06 -18.14 11.56
N PHE B 207 17.89 -17.21 11.10
CA PHE B 207 18.62 -16.31 12.00
C PHE B 207 18.00 -14.93 12.10
N SER B 208 16.96 -14.69 11.30
CA SER B 208 16.46 -13.34 11.17
C SER B 208 15.33 -13.07 12.14
N ASP B 209 14.93 -11.81 12.22
CA ASP B 209 13.87 -11.36 13.11
C ASP B 209 13.14 -10.24 12.41
N TYR B 210 11.91 -10.51 11.99
CA TYR B 210 11.11 -9.53 11.25
C TYR B 210 9.80 -9.21 11.95
N ARG B 211 9.80 -9.32 13.27
CA ARG B 211 8.67 -8.86 14.06
C ARG B 211 8.40 -7.36 13.85
N SER B 212 9.46 -6.58 13.69
CA SER B 212 9.35 -5.12 13.58
C SER B 212 8.79 -4.71 12.22
N LEU B 213 8.75 -5.67 11.30
CA LEU B 213 8.20 -5.43 9.97
C LEU B 213 6.68 -5.48 9.98
N LEU B 214 6.10 -6.16 10.96
CA LEU B 214 4.69 -6.52 10.88
C LEU B 214 3.78 -5.30 10.86
N GLU B 215 4.11 -4.32 11.69
CA GLU B 215 3.34 -3.10 11.78
C GLU B 215 3.38 -2.32 10.47
N ASP B 216 4.42 -2.54 9.66
CA ASP B 216 4.62 -1.77 8.42
C ASP B 216 4.02 -2.41 7.19
N ILE B 217 3.36 -3.55 7.37
CA ILE B 217 2.64 -4.18 6.26
C ILE B 217 1.23 -3.65 6.26
N SER B 218 0.85 -3.01 5.16
CA SER B 218 -0.46 -2.37 5.09
C SER B 218 -1.36 -3.04 4.06
N THR B 219 -0.88 -4.13 3.47
CA THR B 219 -1.71 -4.92 2.58
C THR B 219 -2.51 -5.92 3.42
N PRO B 220 -3.75 -6.23 3.02
CA PRO B 220 -4.50 -7.25 3.77
C PRO B 220 -3.82 -8.62 3.77
N ALA B 221 -3.81 -9.29 4.92
CA ALA B 221 -3.12 -10.57 5.09
C ALA B 221 -4.04 -11.65 5.64
N LEU B 222 -3.99 -12.83 5.02
CA LEU B 222 -4.66 -14.01 5.53
C LEU B 222 -3.59 -15.01 5.93
N ILE B 223 -3.61 -15.37 7.22
CA ILE B 223 -2.63 -16.26 7.81
C ILE B 223 -3.21 -17.65 8.04
N PHE B 224 -2.57 -18.67 7.48
CA PHE B 224 -2.96 -20.03 7.80
C PHE B 224 -1.98 -20.60 8.84
N GLN B 225 -2.52 -20.96 9.99
CA GLN B 225 -1.75 -21.49 11.10
C GLN B 225 -2.03 -22.98 11.25
N SER B 226 -0.97 -23.78 11.17
CA SER B 226 -1.07 -25.21 11.42
C SER B 226 -1.26 -25.45 12.92
N ALA B 227 -2.23 -26.30 13.27
CA ALA B 227 -2.52 -26.59 14.66
C ALA B 227 -1.35 -27.29 15.36
N LYS B 228 -0.64 -28.12 14.61
CA LYS B 228 0.52 -28.81 15.17
C LYS B 228 1.75 -28.68 14.27
N ASP B 229 2.47 -27.56 14.43
CA ASP B 229 3.61 -27.22 13.58
C ASP B 229 4.81 -27.01 14.51
N SER B 230 5.87 -27.79 14.33
CA SER B 230 7.07 -27.65 15.16
C SER B 230 7.80 -26.34 14.91
N LEU B 231 7.74 -25.84 13.68
CA LEU B 231 8.41 -24.58 13.34
C LEU B 231 7.65 -23.34 13.81
N ALA B 232 6.38 -23.50 14.17
CA ALA B 232 5.57 -22.37 14.60
C ALA B 232 4.33 -22.80 15.38
N SER B 233 4.34 -22.58 16.69
CA SER B 233 3.19 -22.87 17.54
C SER B 233 2.06 -21.89 17.21
N PRO B 234 0.82 -22.22 17.61
CA PRO B 234 -0.33 -21.35 17.37
C PRO B 234 -0.15 -19.93 17.90
N GLU B 235 0.61 -19.78 18.99
CA GLU B 235 0.90 -18.43 19.50
C GLU B 235 1.71 -17.57 18.51
N VAL B 236 2.51 -18.20 17.66
CA VAL B 236 3.26 -17.45 16.65
C VAL B 236 2.32 -16.81 15.62
N GLY B 237 1.40 -17.61 15.08
CA GLY B 237 0.41 -17.10 14.15
C GLY B 237 -0.46 -16.01 14.78
N GLN B 238 -0.85 -16.25 16.02
CA GLN B 238 -1.62 -15.31 16.83
C GLN B 238 -0.90 -13.95 16.87
N TYR B 239 0.39 -13.99 17.19
CA TYR B 239 1.25 -12.81 17.26
C TYR B 239 1.24 -12.04 15.94
N ALA B 241 -1.11 -12.06 13.59
CA ALA B 241 -2.41 -11.43 13.39
C ALA B 241 -2.56 -10.17 14.25
N GLU B 242 -2.02 -10.23 15.47
CA GLU B 242 -2.04 -9.08 16.36
C GLU B 242 -1.27 -7.89 15.79
N ASN B 243 -0.17 -8.15 15.10
CA ASN B 243 0.75 -7.08 14.72
C ASN B 243 0.68 -6.59 13.28
N ILE B 244 0.04 -7.38 12.41
N ILE B 244 0.11 -7.39 12.38
CA ILE B 244 -0.31 -6.94 11.08
CA ILE B 244 -0.22 -6.89 11.06
C ILE B 244 -1.64 -6.19 11.15
C ILE B 244 -1.59 -6.20 11.14
N PRO B 245 -1.60 -4.87 10.91
CA PRO B 245 -2.80 -4.03 11.02
C PRO B 245 -4.06 -4.64 10.36
N ASN B 246 -3.98 -5.01 9.10
CA ASN B 246 -5.13 -5.57 8.39
C ASN B 246 -4.94 -7.07 8.15
N SER B 247 -5.45 -7.90 9.06
CA SER B 247 -5.15 -9.32 8.99
C SER B 247 -6.26 -10.19 9.58
N GLN B 248 -6.23 -11.47 9.24
CA GLN B 248 -7.01 -12.45 9.95
C GLN B 248 -6.29 -13.80 9.86
N LEU B 249 -6.51 -14.62 10.87
CA LEU B 249 -5.86 -15.92 10.97
C LEU B 249 -6.92 -17.01 10.96
N GLU B 250 -6.65 -18.09 10.23
CA GLU B 250 -7.45 -19.30 10.36
C GLU B 250 -6.54 -20.42 10.84
N LEU B 251 -6.94 -21.07 11.93
CA LEU B 251 -6.21 -22.24 12.42
C LEU B 251 -6.66 -23.50 11.68
N ILE B 252 -5.70 -24.22 11.10
CA ILE B 252 -6.02 -25.41 10.31
C ILE B 252 -5.67 -26.66 11.10
N GLN B 253 -6.63 -27.58 11.21
CA GLN B 253 -6.39 -28.81 11.96
C GLN B 253 -5.57 -29.76 11.13
N ALA B 254 -4.25 -29.69 11.33
CA ALA B 254 -3.29 -30.40 10.50
C ALA B 254 -1.95 -30.42 11.22
N GLU B 255 -0.97 -31.07 10.63
CA GLU B 255 0.36 -31.20 11.23
C GLU B 255 1.42 -30.79 10.22
N GLY B 256 2.46 -30.14 10.70
CA GLY B 256 3.55 -29.71 9.85
C GLY B 256 3.46 -28.25 9.42
N HIS B 257 4.44 -27.86 8.61
CA HIS B 257 4.68 -26.48 8.25
C HIS B 257 4.52 -26.33 6.74
N CYS B 258 3.92 -27.34 6.10
CA CYS B 258 3.76 -27.39 4.64
C CYS B 258 2.32 -27.73 4.28
N LEU B 259 1.39 -26.91 4.75
CA LEU B 259 -0.03 -27.19 4.53
C LEU B 259 -0.41 -27.17 3.05
N HIS B 260 0.27 -26.38 2.22
CA HIS B 260 0.04 -26.35 0.77
C HIS B 260 0.34 -27.69 0.07
N THR B 262 0.49 -30.86 2.11
CA THR B 262 -0.17 -31.93 2.85
C THR B 262 -1.69 -31.73 2.94
N ASP B 263 -2.14 -30.48 2.88
CA ASP B 263 -3.55 -30.18 3.14
C ASP B 263 -4.11 -29.10 2.24
N ALA B 264 -3.75 -29.16 0.96
CA ALA B 264 -4.23 -28.18 -0.02
C ALA B 264 -5.76 -28.16 -0.12
N GLY B 265 -6.37 -29.32 0.13
CA GLY B 265 -7.82 -29.42 0.13
C GLY B 265 -8.49 -28.60 1.23
N LEU B 266 -7.83 -28.47 2.37
CA LEU B 266 -8.37 -27.65 3.45
C LEU B 266 -8.25 -26.14 3.18
N ILE B 267 -7.09 -25.68 2.74
CA ILE B 267 -6.84 -24.23 2.68
C ILE B 267 -7.21 -23.58 1.34
N THR B 268 -7.14 -24.35 0.26
CA THR B 268 -7.37 -23.78 -1.07
C THR B 268 -8.75 -23.11 -1.24
N PRO B 269 -9.84 -23.83 -0.92
CA PRO B 269 -11.18 -23.22 -0.97
C PRO B 269 -11.30 -21.96 -0.12
N LEU B 270 -10.71 -21.97 1.07
CA LEU B 270 -10.70 -20.79 1.93
C LEU B 270 -9.92 -19.62 1.32
N LEU B 271 -8.71 -19.87 0.83
CA LEU B 271 -7.94 -18.79 0.23
C LEU B 271 -8.49 -18.33 -1.13
N ILE B 272 -9.19 -19.20 -1.85
CA ILE B 272 -9.85 -18.75 -3.08
C ILE B 272 -10.99 -17.80 -2.75
N HIS B 273 -11.70 -18.07 -1.66
CA HIS B 273 -12.80 -17.21 -1.22
C HIS B 273 -12.28 -15.86 -0.73
N PHE B 274 -11.18 -15.89 0.01
CA PHE B 274 -10.56 -14.67 0.48
C PHE B 274 -10.15 -13.79 -0.69
N ILE B 275 -9.50 -14.40 -1.67
CA ILE B 275 -8.98 -13.68 -2.83
C ILE B 275 -10.07 -13.09 -3.71
N GLN B 276 -11.14 -13.84 -3.94
CA GLN B 276 -12.21 -13.39 -4.82
C GLN B 276 -13.11 -12.36 -4.15
N ASN B 277 -13.21 -12.43 -2.83
CA ASN B 277 -14.21 -11.63 -2.15
C ASN B 277 -13.72 -10.32 -1.55
N ASN B 278 -12.46 -10.01 -1.81
CA ASN B 278 -12.03 -8.63 -1.69
C ASN B 278 -11.47 -8.15 -3.02
N GLN B 279 -11.91 -8.84 -4.07
CA GLN B 279 -11.97 -8.36 -5.47
C GLN B 279 -11.24 -9.15 -6.54
N THR B 280 -11.77 -10.34 -6.86
CA THR B 280 -11.53 -11.03 -8.14
C THR B 280 -11.82 -12.53 -8.13
#